data_8CO2
#
_entry.id   8CO2
#
_cell.length_a   42.710
_cell.length_b   42.710
_cell.length_c   65.090
_cell.angle_alpha   90.000
_cell.angle_beta   90.000
_cell.angle_gamma   120.000
#
_symmetry.space_group_name_H-M   'P 31'
#
loop_
_entity.id
_entity.type
_entity.pdbx_description
1 polymer 'Putative antirepressor protein Cro'
2 non-polymer 'SULFATE ION'
3 non-polymer 'ISOPROPYL ALCOHOL'
4 water water
#
_entity_poly.entity_id   1
_entity_poly.type   'polypeptide(L)'
_entity_poly.pdbx_seq_one_letter_code
;MGHHHHHHSGENLYFQGTMTLKEFIKSLRVGDAKKFAARLGVSPSYLSQMASGRTAISPTRALMIESATEGQVSRAELRP
HDWELIWPEYASGI
;
_entity_poly.pdbx_strand_id   A,B
#
# COMPACT_ATOMS: atom_id res chain seq x y z
N GLY A 17 -1.50 -15.67 -7.97
CA GLY A 17 -1.71 -15.74 -6.54
C GLY A 17 -2.24 -17.09 -6.10
N THR A 18 -2.52 -17.23 -4.80
CA THR A 18 -3.04 -18.46 -4.25
C THR A 18 -4.51 -18.41 -3.88
N MET A 19 -5.04 -17.24 -3.55
CA MET A 19 -6.43 -17.19 -3.10
C MET A 19 -7.06 -15.85 -3.45
N THR A 20 -8.38 -15.83 -3.39
CA THR A 20 -9.11 -14.61 -3.67
C THR A 20 -9.16 -13.75 -2.41
N LEU A 21 -9.56 -12.49 -2.59
CA LEU A 21 -9.67 -11.58 -1.46
C LEU A 21 -10.67 -12.10 -0.44
N LYS A 22 -11.83 -12.58 -0.90
CA LYS A 22 -12.83 -13.18 -0.03
C LYS A 22 -12.29 -14.36 0.76
N GLU A 23 -11.49 -15.21 0.11
CA GLU A 23 -10.93 -16.36 0.82
C GLU A 23 -9.94 -15.91 1.89
N PHE A 24 -9.14 -14.91 1.57
CA PHE A 24 -8.12 -14.44 2.51
C PHE A 24 -8.78 -13.82 3.74
N ILE A 25 -9.76 -12.95 3.52
CA ILE A 25 -10.45 -12.30 4.63
C ILE A 25 -11.14 -13.33 5.51
N LYS A 26 -11.81 -14.31 4.90
CA LYS A 26 -12.44 -15.40 5.64
C LYS A 26 -11.51 -15.99 6.67
N SER A 27 -10.21 -16.02 6.38
CA SER A 27 -9.22 -16.70 7.19
C SER A 27 -8.71 -15.85 8.35
N LEU A 28 -8.84 -14.53 8.25
CA LEU A 28 -8.34 -13.65 9.28
C LEU A 28 -9.24 -13.73 10.51
N ARG A 29 -8.63 -13.54 11.68
CA ARG A 29 -9.45 -13.26 12.85
C ARG A 29 -10.17 -11.91 12.67
N VAL A 30 -11.37 -11.83 13.23
CA VAL A 30 -12.21 -10.64 13.08
C VAL A 30 -11.43 -9.39 13.44
N GLY A 31 -10.67 -9.44 14.55
CA GLY A 31 -9.88 -8.29 14.94
C GLY A 31 -8.83 -7.95 13.89
N ASP A 32 -8.17 -8.97 13.34
CA ASP A 32 -7.16 -8.75 12.31
C ASP A 32 -7.78 -8.14 11.06
N ALA A 33 -8.98 -8.61 10.69
CA ALA A 33 -9.63 -8.09 9.49
C ALA A 33 -10.04 -6.64 9.67
N LYS A 34 -10.44 -6.25 10.88
CA LYS A 34 -10.70 -4.83 11.16
C LYS A 34 -9.41 -4.02 11.04
N LYS A 35 -8.29 -4.58 11.46
CA LYS A 35 -7.01 -3.89 11.31
C LYS A 35 -6.59 -3.84 9.84
N PHE A 36 -6.92 -4.89 9.08
CA PHE A 36 -6.57 -4.91 7.66
C PHE A 36 -7.36 -3.85 6.89
N ALA A 37 -8.65 -3.72 7.17
CA ALA A 37 -9.43 -2.64 6.56
C ALA A 37 -8.87 -1.28 6.94
N ALA A 38 -8.48 -1.12 8.21
CA ALA A 38 -7.87 0.13 8.64
C ALA A 38 -6.58 0.43 7.88
N ARG A 39 -5.72 -0.59 7.72
CA ARG A 39 -4.45 -0.37 7.03
C ARG A 39 -4.66 0.06 5.58
N LEU A 40 -5.69 -0.48 4.94
CA LEU A 40 -6.04 -0.18 3.56
C LEU A 40 -6.74 1.15 3.39
N GLY A 41 -7.03 1.85 4.48
CA GLY A 41 -7.74 3.11 4.38
C GLY A 41 -9.19 2.98 3.99
N VAL A 42 -9.82 1.84 4.29
CA VAL A 42 -11.22 1.62 4.00
C VAL A 42 -11.93 1.14 5.26
N SER A 43 -13.27 1.26 5.26
CA SER A 43 -14.11 0.72 6.31
C SER A 43 -14.28 -0.80 6.12
N PRO A 44 -14.55 -1.54 7.20
CA PRO A 44 -14.83 -2.97 7.03
C PRO A 44 -15.96 -3.25 6.07
N SER A 45 -16.93 -2.36 5.97
CA SER A 45 -18.02 -2.52 5.01
C SER A 45 -17.50 -2.44 3.58
N TYR A 46 -16.68 -1.42 3.28
CA TYR A 46 -16.17 -1.28 1.92
C TYR A 46 -15.28 -2.46 1.55
N LEU A 47 -14.47 -2.92 2.51
CA LEU A 47 -13.64 -4.10 2.28
C LEU A 47 -14.50 -5.31 1.94
N SER A 48 -15.59 -5.49 2.68
CA SER A 48 -16.53 -6.58 2.39
C SER A 48 -17.11 -6.44 0.99
N GLN A 49 -17.55 -5.24 0.64
CA GLN A 49 -18.09 -5.02 -0.70
C GLN A 49 -17.05 -5.31 -1.78
N MET A 50 -15.79 -4.94 -1.52
CA MET A 50 -14.72 -5.30 -2.46
C MET A 50 -14.55 -6.81 -2.56
N ALA A 51 -14.52 -7.49 -1.42
CA ALA A 51 -14.34 -8.94 -1.45
C ALA A 51 -15.53 -9.67 -2.08
N SER A 52 -16.73 -9.12 -1.95
CA SER A 52 -17.91 -9.79 -2.48
C SER A 52 -18.20 -9.41 -3.92
N GLY A 53 -17.36 -8.58 -4.53
CA GLY A 53 -17.53 -8.17 -5.90
C GLY A 53 -18.58 -7.12 -6.14
N ARG A 54 -19.05 -6.45 -5.07
CA ARG A 54 -20.09 -5.46 -5.20
C ARG A 54 -19.58 -4.10 -5.64
N THR A 55 -18.26 -3.87 -5.53
CA THR A 55 -17.64 -2.62 -5.94
C THR A 55 -16.24 -2.93 -6.46
N ALA A 56 -15.75 -2.06 -7.34
CA ALA A 56 -14.43 -2.27 -7.95
C ALA A 56 -13.30 -2.08 -6.95
N ILE A 57 -12.23 -2.84 -7.15
CA ILE A 57 -10.97 -2.64 -6.45
C ILE A 57 -10.12 -1.77 -7.36
N SER A 58 -9.77 -0.57 -6.90
CA SER A 58 -9.02 0.32 -7.75
C SER A 58 -7.65 -0.28 -8.04
N PRO A 59 -7.00 0.11 -9.14
CA PRO A 59 -5.66 -0.42 -9.41
C PRO A 59 -4.69 -0.21 -8.26
N THR A 60 -4.69 0.96 -7.63
CA THR A 60 -3.78 1.21 -6.52
C THR A 60 -4.13 0.34 -5.32
N ARG A 61 -5.41 0.20 -5.02
CA ARG A 61 -5.78 -0.64 -3.89
C ARG A 61 -5.46 -2.10 -4.17
N ALA A 62 -5.48 -2.51 -5.43
CA ALA A 62 -5.06 -3.88 -5.73
C ALA A 62 -3.58 -4.05 -5.43
N LEU A 63 -2.75 -3.08 -5.81
CA LEU A 63 -1.35 -3.11 -5.45
C LEU A 63 -1.17 -3.13 -3.94
N MET A 64 -1.94 -2.32 -3.22
CA MET A 64 -1.87 -2.34 -1.75
C MET A 64 -2.16 -3.72 -1.19
N ILE A 65 -3.26 -4.34 -1.65
CA ILE A 65 -3.64 -5.65 -1.14
C ILE A 65 -2.60 -6.69 -1.50
N GLU A 66 -2.11 -6.65 -2.74
CA GLU A 66 -1.06 -7.59 -3.14
C GLU A 66 0.16 -7.47 -2.24
N SER A 67 0.64 -6.24 -1.99
CA SER A 67 1.81 -6.08 -1.14
C SER A 67 1.54 -6.50 0.30
N ALA A 68 0.32 -6.22 0.80
CA ALA A 68 0.00 -6.51 2.20
C ALA A 68 -0.10 -8.02 2.45
N THR A 69 -0.62 -8.76 1.48
CA THR A 69 -0.75 -10.21 1.57
C THR A 69 0.48 -10.96 1.08
N GLU A 70 1.60 -10.26 0.86
CA GLU A 70 2.83 -10.84 0.33
C GLU A 70 2.55 -11.69 -0.92
N GLY A 71 1.68 -11.17 -1.79
CA GLY A 71 1.41 -11.80 -3.06
C GLY A 71 0.32 -12.86 -3.03
N GLN A 72 -0.20 -13.20 -1.85
CA GLN A 72 -1.17 -14.28 -1.77
C GLN A 72 -2.47 -13.92 -2.49
N VAL A 73 -2.92 -12.67 -2.37
CA VAL A 73 -4.02 -12.14 -3.17
C VAL A 73 -3.38 -11.16 -4.16
N SER A 74 -3.26 -11.59 -5.41
CA SER A 74 -2.49 -10.84 -6.38
C SER A 74 -3.43 -10.01 -7.23
N ARG A 75 -2.83 -9.10 -8.01
CA ARG A 75 -3.61 -8.23 -8.87
C ARG A 75 -4.45 -9.02 -9.86
N ALA A 76 -4.02 -10.23 -10.20
CA ALA A 76 -4.79 -11.06 -11.14
C ALA A 76 -6.10 -11.52 -10.52
N GLU A 77 -6.13 -11.77 -9.21
CA GLU A 77 -7.36 -12.12 -8.54
C GLU A 77 -8.23 -10.90 -8.23
N LEU A 78 -7.61 -9.72 -8.14
CA LEU A 78 -8.30 -8.51 -7.73
C LEU A 78 -8.86 -7.73 -8.91
N ARG A 79 -8.23 -7.80 -10.08
CA ARG A 79 -8.83 -7.29 -11.32
C ARG A 79 -8.78 -8.40 -12.36
N PRO A 80 -9.60 -9.45 -12.17
CA PRO A 80 -9.52 -10.63 -13.05
C PRO A 80 -9.80 -10.35 -14.52
N HIS A 81 -10.56 -9.31 -14.85
CA HIS A 81 -11.00 -9.14 -16.22
C HIS A 81 -10.17 -8.12 -16.98
N ASP A 82 -9.25 -7.41 -16.31
CA ASP A 82 -8.43 -6.49 -17.07
C ASP A 82 -7.02 -6.32 -16.49
N TRP A 83 -6.53 -7.26 -15.68
CA TRP A 83 -5.18 -7.11 -15.16
C TRP A 83 -4.14 -7.16 -16.26
N GLU A 84 -4.39 -7.94 -17.33
CA GLU A 84 -3.42 -8.00 -18.42
C GLU A 84 -3.28 -6.65 -19.11
N LEU A 85 -4.31 -5.81 -19.06
CA LEU A 85 -4.27 -4.51 -19.72
C LEU A 85 -3.67 -3.44 -18.83
N ILE A 86 -4.03 -3.45 -17.55
CA ILE A 86 -3.55 -2.45 -16.60
C ILE A 86 -2.07 -2.62 -16.33
N TRP A 87 -1.59 -3.86 -16.31
CA TRP A 87 -0.19 -4.16 -16.01
C TRP A 87 0.34 -5.16 -17.03
N PRO A 88 0.54 -4.72 -18.27
CA PRO A 88 1.10 -5.63 -19.29
C PRO A 88 2.46 -6.19 -18.94
N GLU A 89 3.22 -5.48 -18.10
CA GLU A 89 4.52 -5.99 -17.67
C GLU A 89 4.39 -7.10 -16.64
N TYR A 90 3.35 -7.07 -15.80
CA TYR A 90 3.17 -8.12 -14.80
C TYR A 90 2.96 -9.48 -15.45
N ALA A 91 2.43 -9.49 -16.67
CA ALA A 91 2.26 -10.74 -17.41
C ALA A 91 3.49 -11.00 -18.28
N SER A 92 4.62 -10.43 -17.90
N GLY B 17 13.07 1.69 11.01
CA GLY B 17 13.21 2.47 9.79
C GLY B 17 14.52 3.22 9.72
N THR B 18 15.31 2.91 8.69
CA THR B 18 16.67 3.41 8.62
C THR B 18 16.80 4.72 7.84
N MET B 19 15.84 5.03 6.97
CA MET B 19 15.97 6.14 6.04
C MET B 19 14.72 7.01 6.03
N THR B 20 14.91 8.30 5.78
CA THR B 20 13.78 9.12 5.37
C THR B 20 13.42 8.83 3.92
N LEU B 21 12.19 9.17 3.54
CA LEU B 21 11.79 8.97 2.15
C LEU B 21 12.70 9.76 1.20
N LYS B 22 13.09 10.98 1.60
CA LYS B 22 13.96 11.78 0.75
C LYS B 22 15.29 11.10 0.53
N GLU B 23 15.90 10.58 1.58
CA GLU B 23 17.18 9.90 1.43
C GLU B 23 17.02 8.60 0.63
N PHE B 24 15.91 7.90 0.80
CA PHE B 24 15.70 6.65 0.08
C PHE B 24 15.57 6.90 -1.42
N ILE B 25 14.79 7.91 -1.80
CA ILE B 25 14.59 8.18 -3.22
C ILE B 25 15.87 8.70 -3.85
N LYS B 26 16.62 9.54 -3.11
CA LYS B 26 17.86 10.07 -3.64
C LYS B 26 18.83 8.96 -4.03
N SER B 27 18.75 7.83 -3.33
CA SER B 27 19.65 6.70 -3.55
C SER B 27 19.14 5.71 -4.60
N LEU B 28 17.87 5.79 -5.00
CA LEU B 28 17.37 4.89 -6.03
C LEU B 28 17.88 5.28 -7.41
N ARG B 29 18.08 4.26 -8.25
CA ARG B 29 18.28 4.49 -9.67
C ARG B 29 17.03 5.12 -10.28
N VAL B 30 17.22 5.95 -11.30
CA VAL B 30 16.08 6.66 -11.89
C VAL B 30 15.03 5.69 -12.38
N GLY B 31 15.44 4.59 -13.01
CA GLY B 31 14.48 3.61 -13.48
C GLY B 31 13.68 3.00 -12.34
N ASP B 32 14.35 2.73 -11.22
CA ASP B 32 13.66 2.15 -10.07
C ASP B 32 12.75 3.17 -9.39
N ALA B 33 13.13 4.46 -9.42
CA ALA B 33 12.27 5.47 -8.83
C ALA B 33 10.96 5.63 -9.60
N LYS B 34 11.02 5.53 -10.92
CA LYS B 34 9.81 5.53 -11.74
C LYS B 34 8.93 4.33 -11.42
N LYS B 35 9.54 3.16 -11.24
CA LYS B 35 8.75 1.97 -10.88
C LYS B 35 8.19 2.08 -9.48
N PHE B 36 8.93 2.73 -8.58
CA PHE B 36 8.45 2.94 -7.22
C PHE B 36 7.25 3.86 -7.20
N ALA B 37 7.30 4.96 -7.96
CA ALA B 37 6.12 5.81 -8.08
C ALA B 37 4.93 5.00 -8.59
N ALA B 38 5.17 4.14 -9.59
CA ALA B 38 4.08 3.34 -10.13
C ALA B 38 3.50 2.40 -9.08
N ARG B 39 4.35 1.78 -8.26
CA ARG B 39 3.85 0.87 -7.24
C ARG B 39 3.01 1.59 -6.20
N LEU B 40 3.26 2.87 -6.00
CA LEU B 40 2.47 3.70 -5.10
C LEU B 40 1.24 4.27 -5.78
N GLY B 41 1.12 4.10 -7.10
CA GLY B 41 0.01 4.68 -7.83
C GLY B 41 0.03 6.19 -7.90
N VAL B 42 1.23 6.79 -7.93
CA VAL B 42 1.38 8.24 -7.95
C VAL B 42 2.35 8.61 -9.06
N SER B 43 2.27 9.86 -9.49
CA SER B 43 3.22 10.31 -10.48
C SER B 43 4.58 10.57 -9.84
N PRO B 44 5.65 10.49 -10.63
CA PRO B 44 6.98 10.89 -10.10
C PRO B 44 6.97 12.26 -9.48
N SER B 45 6.23 13.21 -10.06
CA SER B 45 6.17 14.56 -9.50
C SER B 45 5.51 14.56 -8.12
N TYR B 46 4.43 13.79 -7.93
CA TYR B 46 3.79 13.71 -6.62
C TYR B 46 4.69 13.03 -5.61
N LEU B 47 5.39 11.97 -6.03
CA LEU B 47 6.32 11.30 -5.13
C LEU B 47 7.41 12.27 -4.68
N SER B 48 7.90 13.11 -5.60
CA SER B 48 8.90 14.10 -5.25
CA SER B 48 8.91 14.08 -5.24
C SER B 48 8.39 15.06 -4.19
N GLN B 49 7.14 15.53 -4.33
CA GLN B 49 6.60 16.45 -3.34
C GLN B 49 6.39 15.78 -2.00
N MET B 50 6.04 14.48 -1.99
CA MET B 50 5.98 13.74 -0.74
C MET B 50 7.35 13.66 -0.10
N ALA B 51 8.37 13.33 -0.89
CA ALA B 51 9.71 13.16 -0.35
C ALA B 51 10.31 14.47 0.13
N SER B 52 9.77 15.61 -0.28
CA SER B 52 10.35 16.92 0.07
C SER B 52 9.54 17.66 1.13
N GLY B 53 8.63 16.98 1.82
CA GLY B 53 7.91 17.61 2.92
C GLY B 53 6.90 18.66 2.51
N ARG B 54 6.46 18.66 1.26
CA ARG B 54 5.47 19.64 0.84
C ARG B 54 4.05 19.19 1.13
N THR B 55 3.80 17.89 1.10
CA THR B 55 2.49 17.36 1.47
C THR B 55 2.63 16.43 2.67
N ALA B 56 1.74 16.59 3.64
CA ALA B 56 1.67 15.64 4.74
C ALA B 56 1.28 14.27 4.22
N ILE B 57 1.86 13.22 4.80
CA ILE B 57 1.69 11.86 4.33
C ILE B 57 0.64 11.18 5.20
N SER B 58 -0.47 10.76 4.60
CA SER B 58 -1.56 10.19 5.37
C SER B 58 -1.08 8.91 6.05
N PRO B 59 -1.69 8.55 7.18
CA PRO B 59 -1.36 7.26 7.79
C PRO B 59 -1.41 6.09 6.81
N THR B 60 -2.42 6.04 5.92
CA THR B 60 -2.49 4.94 4.97
C THR B 60 -1.35 4.99 3.96
N ARG B 61 -1.03 6.18 3.44
CA ARG B 61 0.05 6.20 2.46
C ARG B 61 1.40 5.93 3.11
N ALA B 62 1.55 6.25 4.40
CA ALA B 62 2.78 5.91 5.10
C ALA B 62 2.96 4.40 5.15
N LEU B 63 1.90 3.69 5.54
CA LEU B 63 1.98 2.23 5.61
C LEU B 63 2.26 1.67 4.22
N MET B 64 1.66 2.27 3.20
CA MET B 64 1.90 1.84 1.83
C MET B 64 3.37 2.02 1.44
N ILE B 65 3.99 3.15 1.83
CA ILE B 65 5.40 3.37 1.54
C ILE B 65 6.28 2.46 2.39
N GLU B 66 5.93 2.29 3.67
CA GLU B 66 6.68 1.35 4.50
C GLU B 66 6.66 -0.06 3.92
N SER B 67 5.50 -0.51 3.43
CA SER B 67 5.44 -1.82 2.79
C SER B 67 6.19 -1.86 1.46
N ALA B 68 6.15 -0.77 0.69
CA ALA B 68 6.78 -0.77 -0.62
C ALA B 68 8.30 -0.70 -0.54
N THR B 69 8.84 -0.09 0.51
CA THR B 69 10.28 -0.05 0.72
C THR B 69 10.77 -1.22 1.56
N GLU B 70 9.89 -2.18 1.84
CA GLU B 70 10.20 -3.34 2.67
C GLU B 70 10.77 -2.92 4.02
N GLY B 71 10.24 -1.83 4.57
CA GLY B 71 10.65 -1.33 5.86
C GLY B 71 11.86 -0.41 5.85
N GLN B 72 12.47 -0.17 4.69
CA GLN B 72 13.63 0.72 4.65
C GLN B 72 13.24 2.13 5.05
N VAL B 73 12.05 2.57 4.67
CA VAL B 73 11.47 3.82 5.11
C VAL B 73 10.29 3.43 5.98
N SER B 74 10.36 3.72 7.28
CA SER B 74 9.27 3.28 8.14
C SER B 74 8.30 4.42 8.40
N ARG B 75 7.13 4.05 8.93
CA ARG B 75 6.11 5.03 9.25
C ARG B 75 6.60 6.08 10.24
N ALA B 76 7.62 5.74 11.04
CA ALA B 76 8.19 6.71 11.97
C ALA B 76 8.91 7.83 11.23
N GLU B 77 9.56 7.51 10.11
CA GLU B 77 10.16 8.57 9.31
C GLU B 77 9.16 9.34 8.48
N LEU B 78 8.01 8.73 8.16
CA LEU B 78 7.03 9.33 7.26
C LEU B 78 6.10 10.27 7.99
N ARG B 79 5.77 9.97 9.23
CA ARG B 79 5.04 10.89 10.10
C ARG B 79 5.86 11.08 11.37
N PRO B 80 6.94 11.84 11.28
CA PRO B 80 7.85 11.94 12.43
C PRO B 80 7.29 12.72 13.60
N HIS B 81 6.29 13.58 13.38
CA HIS B 81 5.81 14.45 14.44
C HIS B 81 4.61 13.87 15.19
N ASP B 82 4.08 12.73 14.76
CA ASP B 82 2.93 12.16 15.47
C ASP B 82 2.76 10.66 15.24
N TRP B 83 3.77 9.93 14.75
CA TRP B 83 3.56 8.51 14.44
C TRP B 83 3.17 7.71 15.67
N GLU B 84 3.65 8.11 16.85
CA GLU B 84 3.23 7.42 18.06
C GLU B 84 1.73 7.59 18.30
N LEU B 85 1.15 8.70 17.85
CA LEU B 85 -0.28 8.94 18.08
C LEU B 85 -1.15 8.15 17.10
N ILE B 86 -0.71 8.01 15.85
CA ILE B 86 -1.50 7.27 14.87
C ILE B 86 -1.33 5.77 15.08
N TRP B 87 -0.13 5.33 15.42
CA TRP B 87 0.16 3.91 15.62
C TRP B 87 0.75 3.72 17.00
N PRO B 88 -0.05 3.84 18.06
CA PRO B 88 0.47 3.56 19.40
C PRO B 88 0.85 2.11 19.59
N GLU B 89 0.25 1.19 18.84
CA GLU B 89 0.60 -0.21 18.95
C GLU B 89 1.94 -0.50 18.28
N TYR B 90 2.25 0.20 17.18
CA TYR B 90 3.56 0.04 16.55
C TYR B 90 4.68 0.50 17.47
N ALA B 91 4.44 1.57 18.22
CA ALA B 91 5.37 2.02 19.26
C ALA B 91 5.18 1.25 20.55
N SER B 92 4.92 -0.05 20.46
CA SER B 92 4.71 -0.90 21.62
C SER B 92 4.97 -2.35 21.23
N GLY B 93 5.91 -2.55 20.32
#